data_4M8K
#
_entry.id   4M8K
#
_cell.length_a   49.244
_cell.length_b   72.319
_cell.length_c   62.900
_cell.angle_alpha   90.000
_cell.angle_beta   91.530
_cell.angle_gamma   90.000
#
_symmetry.space_group_name_H-M   'P 1 21 1'
#
loop_
_entity.id
_entity.type
_entity.pdbx_description
1 polymer 'hypothetical protein, GDSL-like Lipase/Acylhydrolase family protein'
2 non-polymer 'ACETATE ION'
3 non-polymer 'CHLORIDE ION'
4 water water
#
_entity_poly.entity_id   1
_entity_poly.type   'polypeptide(L)'
_entity_poly.pdbx_seq_one_letter_code
;(MSE)GSDKIHHHHHHENLYFQGQKKVSILGDSYSTFYGHVSPAANLCWYGVPGEKKENDVTKVEETWWYRFIHEHGFQL
ERNNSYSGSTVCHTGYEKADYSDRSFITRIHNLGTPDIILVFGGTNDSWAGAPIGAYQYDGWTKADLYSFRPAFCYLLAS
LKQLYPAARIYNITNSELSEEVTDS(MSE)DEICRHYGIENIRLHDIDKQWGHPSVQG(MSE)QSIDAQVWESVSPILEA
SVSLPAKN
;
_entity_poly.pdbx_strand_id   A,B
#
loop_
_chem_comp.id
_chem_comp.type
_chem_comp.name
_chem_comp.formula
ACT non-polymer 'ACETATE ION' 'C2 H3 O2 -1'
CL non-polymer 'CHLORIDE ION' 'Cl -1'
#
# COMPACT_ATOMS: atom_id res chain seq x y z
N GLU A 13 -38.00 3.81 3.10
CA GLU A 13 -37.57 5.09 2.45
C GLU A 13 -36.65 5.89 3.40
N ASN A 14 -36.95 5.90 4.70
CA ASN A 14 -36.33 6.89 5.61
C ASN A 14 -34.88 6.64 5.77
N LEU A 15 -34.11 7.73 5.85
CA LEU A 15 -32.66 7.64 5.90
CA LEU A 15 -32.66 7.62 5.89
C LEU A 15 -32.22 6.79 7.08
N TYR A 16 -32.93 6.92 8.21
CA TYR A 16 -32.46 6.23 9.42
C TYR A 16 -32.54 4.71 9.38
N PHE A 17 -33.35 4.15 8.48
CA PHE A 17 -33.48 2.69 8.37
C PHE A 17 -32.09 2.06 8.19
N GLN A 18 -31.29 2.58 7.25
CA GLN A 18 -29.94 2.08 7.03
C GLN A 18 -28.84 3.06 7.40
N GLY A 19 -29.18 4.24 7.86
CA GLY A 19 -28.18 5.27 8.19
C GLY A 19 -27.65 5.94 6.95
N GLN A 20 -26.70 6.86 7.11
CA GLN A 20 -25.97 7.46 6.00
C GLN A 20 -24.95 6.54 5.45
N LYS A 21 -24.90 6.51 4.13
CA LYS A 21 -23.92 5.78 3.42
C LYS A 21 -22.57 6.52 3.51
N LYS A 22 -21.54 5.70 3.63
CA LYS A 22 -20.17 6.15 3.82
C LYS A 22 -19.43 6.10 2.48
N VAL A 23 -18.86 7.24 2.18
CA VAL A 23 -18.11 7.49 0.92
C VAL A 23 -16.64 7.62 1.23
N SER A 24 -15.86 6.82 0.53
CA SER A 24 -14.43 6.99 0.49
C SER A 24 -13.96 7.34 -0.93
N ILE A 25 -12.84 8.06 -1.00
CA ILE A 25 -12.24 8.52 -2.26
C ILE A 25 -10.81 7.99 -2.34
N LEU A 26 -10.44 7.46 -3.52
CA LEU A 26 -9.05 7.10 -3.88
C LEU A 26 -8.70 8.02 -5.03
N GLY A 27 -7.92 9.07 -4.75
CA GLY A 27 -7.71 10.17 -5.71
C GLY A 27 -6.32 10.70 -5.80
N ASP A 28 -6.22 11.71 -6.64
CA ASP A 28 -5.02 12.47 -6.86
C ASP A 28 -5.26 13.96 -6.43
N SER A 29 -4.49 14.90 -6.97
CA SER A 29 -4.63 16.33 -6.57
C SER A 29 -6.05 16.83 -6.66
N TYR A 30 -6.84 16.31 -7.62
CA TYR A 30 -8.18 16.87 -7.91
C TYR A 30 -9.14 16.65 -6.71
N SER A 31 -8.78 15.68 -5.88
CA SER A 31 -9.58 15.27 -4.71
C SER A 31 -8.87 15.57 -3.39
N THR A 32 -7.81 16.39 -3.43
CA THR A 32 -7.07 16.75 -2.22
C THR A 32 -7.52 18.08 -1.65
N PHE A 33 -7.34 18.22 -0.34
CA PHE A 33 -7.35 19.54 0.35
C PHE A 33 -6.56 19.34 1.63
N TYR A 34 -5.57 20.21 1.82
CA TYR A 34 -4.76 20.25 3.04
C TYR A 34 -5.58 20.04 4.30
N GLY A 35 -5.18 19.07 5.12
CA GLY A 35 -5.84 18.76 6.39
C GLY A 35 -7.05 17.85 6.26
N HIS A 36 -7.39 17.46 5.06
CA HIS A 36 -8.59 16.66 4.85
C HIS A 36 -8.30 15.41 4.04
N VAL A 37 -7.06 14.95 4.07
CA VAL A 37 -6.74 13.64 3.44
C VAL A 37 -6.26 12.67 4.49
N SER A 38 -6.36 11.36 4.21
CA SER A 38 -5.81 10.35 5.08
CA SER A 38 -5.79 10.36 5.09
C SER A 38 -5.12 9.30 4.24
N PRO A 39 -3.87 8.98 4.54
CA PRO A 39 -2.99 9.54 5.59
C PRO A 39 -2.77 11.06 5.47
N ALA A 40 -2.61 11.71 6.61
CA ALA A 40 -2.38 13.15 6.65
C ALA A 40 -1.15 13.56 5.87
N ALA A 41 -0.15 12.70 5.82
CA ALA A 41 1.07 13.00 5.07
C ALA A 41 0.94 12.95 3.53
N ASN A 42 -0.18 12.44 2.99
CA ASN A 42 -0.42 12.54 1.59
C ASN A 42 -0.25 13.97 1.06
N LEU A 43 0.47 14.11 -0.05
CA LEU A 43 0.63 15.42 -0.66
C LEU A 43 -0.69 15.97 -1.14
N CYS A 44 -0.86 17.26 -0.93
CA CYS A 44 -2.06 18.00 -1.38
C CYS A 44 -1.73 19.10 -2.39
N TRP A 45 -2.70 19.51 -3.18
CA TRP A 45 -2.57 20.57 -4.14
C TRP A 45 -3.32 21.82 -3.69
N TYR A 46 -4.47 21.64 -3.07
CA TYR A 46 -5.31 22.74 -2.59
C TYR A 46 -5.13 23.05 -1.11
N GLY A 47 -5.16 24.32 -0.76
CA GLY A 47 -5.11 24.73 0.64
C GLY A 47 -3.80 24.56 1.37
N VAL A 48 -2.69 24.47 0.64
CA VAL A 48 -1.40 24.18 1.25
C VAL A 48 -0.72 25.52 1.63
N PRO A 49 -0.50 25.76 2.92
CA PRO A 49 0.16 27.04 3.32
C PRO A 49 1.51 27.25 2.63
N GLY A 50 1.71 28.44 2.05
CA GLY A 50 2.97 28.80 1.39
C GLY A 50 3.14 28.20 0.02
N GLU A 51 2.11 27.54 -0.50
CA GLU A 51 2.18 26.98 -1.84
C GLU A 51 0.94 27.40 -2.60
N LYS A 52 0.73 28.72 -2.65
CA LYS A 52 -0.39 29.27 -3.39
C LYS A 52 -0.39 28.90 -4.88
N LYS A 53 -1.56 28.52 -5.39
CA LYS A 53 -1.78 28.15 -6.76
C LYS A 53 -2.55 29.27 -7.50
N GLU A 54 -2.41 29.40 -8.82
CA GLU A 54 -3.24 30.37 -9.58
CA GLU A 54 -3.22 30.36 -9.58
C GLU A 54 -4.49 29.62 -9.97
N ASN A 55 -5.37 29.49 -8.97
CA ASN A 55 -6.56 28.70 -9.02
C ASN A 55 -7.42 29.19 -7.87
N ASP A 56 -8.71 29.35 -8.12
CA ASP A 56 -9.55 30.11 -7.21
C ASP A 56 -10.18 29.30 -6.12
N VAL A 57 -9.86 27.99 -6.04
CA VAL A 57 -10.36 27.19 -4.92
C VAL A 57 -9.56 27.47 -3.65
N THR A 58 -10.18 28.12 -2.64
CA THR A 58 -9.49 28.44 -1.39
C THR A 58 -10.05 27.73 -0.10
N LYS A 59 -11.20 27.08 -0.21
CA LYS A 59 -11.90 26.49 0.93
C LYS A 59 -12.30 25.07 0.63
N VAL A 60 -12.23 24.19 1.63
CA VAL A 60 -12.58 22.79 1.43
C VAL A 60 -14.00 22.62 0.95
N GLU A 61 -14.88 23.58 1.29
CA GLU A 61 -16.32 23.50 0.97
C GLU A 61 -16.60 23.68 -0.51
N GLU A 62 -15.60 24.16 -1.22
CA GLU A 62 -15.66 24.33 -2.68
C GLU A 62 -15.23 23.07 -3.42
N THR A 63 -14.61 22.10 -2.74
CA THR A 63 -14.13 20.87 -3.42
C THR A 63 -15.32 20.02 -3.91
N TRP A 64 -15.12 19.24 -4.98
CA TRP A 64 -16.20 18.47 -5.58
C TRP A 64 -16.76 17.47 -4.59
N TRP A 65 -15.86 16.86 -3.79
CA TRP A 65 -16.23 15.72 -2.93
C TRP A 65 -16.94 16.14 -1.65
N TYR A 66 -16.50 17.27 -1.07
CA TYR A 66 -17.09 17.85 0.10
C TYR A 66 -18.52 18.26 -0.24
N ARG A 67 -18.66 18.88 -1.42
CA ARG A 67 -19.96 19.27 -1.95
C ARG A 67 -20.79 18.06 -2.15
N PHE A 68 -20.24 17.07 -2.83
CA PHE A 68 -21.02 15.84 -3.11
C PHE A 68 -21.50 15.19 -1.83
N ILE A 69 -20.64 15.11 -0.84
CA ILE A 69 -21.00 14.42 0.40
C ILE A 69 -22.04 15.21 1.18
N HIS A 70 -21.84 16.51 1.34
CA HIS A 70 -22.71 17.30 2.20
C HIS A 70 -24.03 17.64 1.56
N GLU A 71 -24.11 17.62 0.24
CA GLU A 71 -25.34 17.93 -0.44
C GLU A 71 -26.28 16.75 -0.47
N HIS A 72 -25.78 15.53 -0.33
CA HIS A 72 -26.61 14.36 -0.69
C HIS A 72 -26.76 13.31 0.42
N GLY A 73 -26.50 13.69 1.66
CA GLY A 73 -26.83 12.83 2.82
C GLY A 73 -25.82 11.72 3.07
N PHE A 74 -24.57 11.96 2.68
CA PHE A 74 -23.56 10.95 2.85
C PHE A 74 -22.69 11.34 4.02
N GLN A 75 -21.76 10.47 4.32
CA GLN A 75 -20.76 10.72 5.31
C GLN A 75 -19.38 10.43 4.68
N LEU A 76 -18.36 11.25 4.96
CA LEU A 76 -17.02 10.97 4.48
C LEU A 76 -16.45 9.91 5.35
N GLU A 77 -15.93 8.83 4.75
CA GLU A 77 -15.24 7.80 5.51
C GLU A 77 -13.73 8.13 5.39
N ARG A 78 -13.13 7.96 4.20
CA ARG A 78 -11.73 8.31 4.07
C ARG A 78 -11.54 9.00 2.74
N ASN A 79 -10.81 10.11 2.78
CA ASN A 79 -10.29 10.73 1.56
C ASN A 79 -8.79 10.43 1.37
N ASN A 80 -8.53 9.28 0.76
CA ASN A 80 -7.16 8.89 0.42
C ASN A 80 -6.78 9.42 -0.94
N SER A 81 -6.39 10.68 -0.96
CA SER A 81 -6.01 11.38 -2.16
C SER A 81 -4.63 11.96 -1.97
N TYR A 82 -3.85 11.98 -3.06
CA TYR A 82 -2.42 12.17 -3.06
C TYR A 82 -2.00 12.84 -4.37
N SER A 83 -1.49 14.06 -4.24
CA SER A 83 -1.08 14.90 -5.37
CA SER A 83 -1.10 14.92 -5.34
C SER A 83 -0.04 14.27 -6.25
N GLY A 84 -0.29 14.26 -7.56
CA GLY A 84 0.69 13.72 -8.47
C GLY A 84 0.65 12.21 -8.57
N SER A 85 -0.12 11.54 -7.71
CA SER A 85 -0.07 10.06 -7.68
C SER A 85 -0.77 9.44 -8.91
N THR A 86 -0.14 8.37 -9.40
CA THR A 86 -0.55 7.64 -10.57
C THR A 86 -1.27 6.36 -10.20
N VAL A 87 -2.07 5.86 -11.12
CA VAL A 87 -2.64 4.54 -10.94
C VAL A 87 -1.57 3.45 -10.97
N CYS A 88 -0.70 3.49 -11.98
CA CYS A 88 0.35 2.52 -12.15
C CYS A 88 1.61 2.96 -11.36
N HIS A 89 2.62 2.08 -11.31
CA HIS A 89 3.86 2.38 -10.55
C HIS A 89 4.84 3.29 -11.26
N THR A 90 4.59 3.65 -12.52
CA THR A 90 5.46 4.59 -13.22
C THR A 90 5.05 6.03 -12.97
N GLY A 91 5.90 6.80 -12.34
CA GLY A 91 5.61 8.23 -12.20
C GLY A 91 6.23 9.18 -13.21
N TYR A 92 6.30 10.45 -12.85
CA TYR A 92 6.90 11.48 -13.66
C TYR A 92 8.40 11.25 -13.82
N GLU A 93 8.89 11.50 -15.06
CA GLU A 93 10.31 11.35 -15.41
C GLU A 93 10.78 9.93 -15.14
N LYS A 94 9.92 8.97 -15.44
CA LYS A 94 10.11 7.55 -15.06
C LYS A 94 10.44 7.29 -13.58
N ALA A 95 10.13 8.22 -12.65
CA ALA A 95 10.30 7.93 -11.23
C ALA A 95 9.51 6.68 -10.81
N ASP A 96 9.97 5.98 -9.77
CA ASP A 96 9.28 4.84 -9.23
C ASP A 96 8.22 5.29 -8.21
N TYR A 97 6.95 5.19 -8.57
CA TYR A 97 5.88 5.62 -7.71
C TYR A 97 5.25 4.43 -6.92
N SER A 98 6.04 3.38 -6.71
CA SER A 98 5.60 2.21 -5.93
C SER A 98 5.29 2.61 -4.51
N ASP A 99 5.80 3.76 -4.08
CA ASP A 99 5.53 4.26 -2.75
C ASP A 99 4.18 5.02 -2.66
N ARG A 100 3.48 5.30 -3.77
CA ARG A 100 2.30 6.16 -3.72
C ARG A 100 1.22 5.90 -4.75
N SER A 101 1.35 4.84 -5.52
CA SER A 101 0.43 4.63 -6.60
C SER A 101 -0.91 4.20 -6.07
N PHE A 102 -1.98 4.35 -6.86
CA PHE A 102 -3.34 4.05 -6.35
C PHE A 102 -3.33 2.61 -5.85
N ILE A 103 -2.65 1.74 -6.58
CA ILE A 103 -2.73 0.30 -6.32
C ILE A 103 -2.04 -0.12 -5.03
N THR A 104 -1.29 0.79 -4.44
CA THR A 104 -0.66 0.55 -3.15
C THR A 104 -1.48 1.08 -1.99
N ARG A 105 -2.55 1.83 -2.27
CA ARG A 105 -3.35 2.49 -1.23
C ARG A 105 -4.72 1.91 -1.01
N ILE A 106 -5.02 0.82 -1.71
CA ILE A 106 -6.34 0.20 -1.74
C ILE A 106 -6.83 -0.43 -0.44
N HIS A 107 -5.94 -0.73 0.51
CA HIS A 107 -6.32 -1.21 1.85
C HIS A 107 -6.66 -0.12 2.85
N ASN A 108 -6.42 1.14 2.53
CA ASN A 108 -6.61 2.19 3.52
C ASN A 108 -7.71 3.16 3.10
N LEU A 109 -8.96 2.67 3.14
CA LEU A 109 -10.15 3.43 2.76
C LEU A 109 -11.27 3.37 3.79
N GLY A 110 -10.97 2.82 4.97
CA GLY A 110 -11.95 2.60 6.01
C GLY A 110 -12.93 1.50 5.66
N THR A 111 -14.20 1.74 6.01
CA THR A 111 -15.29 0.79 5.71
C THR A 111 -16.38 1.49 4.90
N PRO A 112 -16.10 1.76 3.62
CA PRO A 112 -17.03 2.48 2.81
C PRO A 112 -18.12 1.61 2.24
N ASP A 113 -19.27 2.25 2.02
CA ASP A 113 -20.37 1.68 1.21
C ASP A 113 -20.22 2.08 -0.25
N ILE A 114 -19.61 3.26 -0.46
CA ILE A 114 -19.38 3.82 -1.79
C ILE A 114 -17.92 4.15 -1.89
N ILE A 115 -17.28 3.70 -2.98
CA ILE A 115 -15.89 4.08 -3.29
C ILE A 115 -15.87 4.84 -4.63
N LEU A 116 -15.31 6.05 -4.59
CA LEU A 116 -15.11 6.86 -5.75
C LEU A 116 -13.61 6.92 -6.12
N VAL A 117 -13.29 6.30 -7.25
CA VAL A 117 -11.93 6.23 -7.79
C VAL A 117 -11.80 7.33 -8.81
N PHE A 118 -10.83 8.24 -8.60
CA PHE A 118 -10.64 9.42 -9.46
C PHE A 118 -9.16 9.58 -9.76
N GLY A 119 -8.69 8.78 -10.70
CA GLY A 119 -7.28 8.74 -11.10
C GLY A 119 -7.07 8.58 -12.61
N GLY A 120 -5.80 8.61 -12.96
CA GLY A 120 -5.37 8.51 -14.35
C GLY A 120 -4.84 9.75 -14.97
N THR A 121 -5.18 10.91 -14.41
CA THR A 121 -4.60 12.16 -14.91
C THR A 121 -3.05 12.15 -14.91
N ASN A 122 -2.45 11.72 -13.83
CA ASN A 122 -1.01 11.70 -13.76
C ASN A 122 -0.40 10.60 -14.67
N ASP A 123 -1.07 9.47 -14.82
CA ASP A 123 -0.60 8.46 -15.76
C ASP A 123 -0.53 9.06 -17.16
N SER A 124 -1.55 9.85 -17.52
CA SER A 124 -1.59 10.55 -18.81
C SER A 124 -0.51 11.61 -18.92
N TRP A 125 -0.48 12.53 -17.96
CA TRP A 125 0.48 13.61 -18.03
C TRP A 125 1.91 13.14 -17.93
N ALA A 126 2.18 12.07 -17.18
CA ALA A 126 3.56 11.58 -17.08
C ALA A 126 4.01 10.69 -18.24
N GLY A 127 3.09 10.29 -19.10
CA GLY A 127 3.46 9.47 -20.23
C GLY A 127 3.82 8.05 -19.82
N ALA A 128 3.14 7.53 -18.80
CA ALA A 128 3.41 6.17 -18.34
C ALA A 128 3.06 5.22 -19.45
N PRO A 129 3.81 4.11 -19.56
CA PRO A 129 3.56 3.14 -20.61
C PRO A 129 2.19 2.56 -20.47
N ILE A 130 1.50 2.31 -21.58
CA ILE A 130 0.13 1.85 -21.54
C ILE A 130 0.00 0.36 -21.29
N GLY A 131 0.92 -0.38 -21.89
CA GLY A 131 0.95 -1.83 -21.75
C GLY A 131 -0.25 -2.51 -22.37
N ALA A 132 -0.56 -3.70 -21.86
CA ALA A 132 -1.63 -4.55 -22.39
C ALA A 132 -2.75 -4.74 -21.39
N TYR A 133 -3.98 -4.85 -21.87
CA TYR A 133 -5.07 -5.27 -21.03
C TYR A 133 -4.67 -6.59 -20.41
N GLN A 134 -4.96 -6.76 -19.13
CA GLN A 134 -4.47 -7.89 -18.36
C GLN A 134 -5.39 -8.13 -17.20
N TYR A 135 -6.06 -9.27 -17.20
CA TYR A 135 -7.08 -9.55 -16.20
C TYR A 135 -6.72 -10.62 -15.13
N ASP A 136 -5.46 -11.03 -15.06
CA ASP A 136 -4.97 -11.91 -14.01
C ASP A 136 -3.45 -11.99 -14.14
N GLY A 137 -2.80 -12.57 -13.15
CA GLY A 137 -1.37 -12.93 -13.25
C GLY A 137 -0.38 -11.77 -13.12
N TRP A 138 -0.84 -10.65 -12.55
CA TRP A 138 -0.05 -9.42 -12.49
C TRP A 138 1.23 -9.59 -11.70
N THR A 139 2.35 -9.31 -12.35
CA THR A 139 3.64 -9.13 -11.65
C THR A 139 3.85 -7.68 -11.26
N LYS A 140 4.73 -7.45 -10.31
CA LYS A 140 5.16 -6.07 -10.02
C LYS A 140 5.62 -5.35 -11.31
N ALA A 141 6.40 -6.05 -12.10
CA ALA A 141 6.92 -5.48 -13.37
C ALA A 141 5.78 -5.03 -14.29
N ASP A 142 4.76 -5.89 -14.44
CA ASP A 142 3.61 -5.62 -15.30
C ASP A 142 2.94 -4.30 -14.83
N LEU A 143 2.96 -4.07 -13.54
CA LEU A 143 2.13 -3.03 -12.95
C LEU A 143 2.72 -1.62 -13.07
N TYR A 144 3.90 -1.52 -13.67
CA TYR A 144 4.49 -0.23 -14.16
C TYR A 144 3.72 0.31 -15.35
N SER A 145 2.88 -0.52 -16.00
CA SER A 145 2.11 -0.07 -17.13
C SER A 145 0.64 0.27 -16.74
N PHE A 146 0.02 1.16 -17.49
CA PHE A 146 -1.32 1.63 -17.11
C PHE A 146 -2.45 0.60 -17.17
N ARG A 147 -2.58 -0.10 -18.29
CA ARG A 147 -3.68 -1.05 -18.38
C ARG A 147 -3.61 -2.18 -17.33
N PRO A 148 -2.45 -2.88 -17.20
CA PRO A 148 -2.43 -3.88 -16.12
C PRO A 148 -2.73 -3.28 -14.73
N ALA A 149 -2.17 -2.09 -14.42
CA ALA A 149 -2.41 -1.44 -13.12
C ALA A 149 -3.87 -1.10 -12.83
N PHE A 150 -4.59 -0.57 -13.82
CA PHE A 150 -5.99 -0.20 -13.68
C PHE A 150 -6.86 -1.42 -13.62
N CYS A 151 -6.52 -2.45 -14.41
CA CYS A 151 -7.21 -3.72 -14.21
C CYS A 151 -6.99 -4.23 -12.77
N TYR A 152 -5.73 -4.20 -12.29
CA TYR A 152 -5.43 -4.77 -10.98
C TYR A 152 -6.22 -3.97 -9.93
N LEU A 153 -6.36 -2.69 -10.18
CA LEU A 153 -7.03 -1.78 -9.25
C LEU A 153 -8.48 -2.18 -9.07
N LEU A 154 -9.22 -2.22 -10.17
CA LEU A 154 -10.63 -2.59 -10.05
C LEU A 154 -10.79 -4.02 -9.54
N ALA A 155 -9.94 -4.92 -9.99
CA ALA A 155 -10.06 -6.33 -9.62
C ALA A 155 -9.89 -6.45 -8.14
N SER A 156 -8.87 -5.79 -7.61
CA SER A 156 -8.56 -5.81 -6.17
C SER A 156 -9.55 -5.06 -5.30
N LEU A 157 -10.03 -3.88 -5.75
CA LEU A 157 -11.09 -3.20 -5.02
C LEU A 157 -12.35 -4.05 -4.90
N LYS A 158 -12.73 -4.73 -5.98
CA LYS A 158 -13.91 -5.60 -5.96
C LYS A 158 -13.75 -6.78 -4.97
N GLN A 159 -12.54 -7.31 -4.84
CA GLN A 159 -12.30 -8.41 -3.89
C GLN A 159 -12.25 -7.90 -2.44
N LEU A 160 -11.54 -6.79 -2.20
CA LEU A 160 -11.46 -6.22 -0.84
C LEU A 160 -12.80 -5.67 -0.32
N TYR A 161 -13.60 -5.05 -1.20
CA TYR A 161 -14.88 -4.40 -0.78
C TYR A 161 -16.08 -4.95 -1.56
N PRO A 162 -16.41 -6.25 -1.32
CA PRO A 162 -17.40 -6.91 -2.17
C PRO A 162 -18.83 -6.40 -1.99
N ALA A 163 -19.07 -5.71 -0.88
CA ALA A 163 -20.34 -5.11 -0.63
C ALA A 163 -20.40 -3.65 -1.03
N ALA A 164 -19.30 -3.02 -1.47
CA ALA A 164 -19.32 -1.59 -1.75
C ALA A 164 -19.77 -1.35 -3.18
N ARG A 165 -20.31 -0.17 -3.45
CA ARG A 165 -20.50 0.30 -4.81
C ARG A 165 -19.31 1.15 -5.21
N ILE A 166 -18.69 0.80 -6.32
CA ILE A 166 -17.47 1.43 -6.79
C ILE A 166 -17.78 2.13 -8.10
N TYR A 167 -17.41 3.40 -8.15
CA TYR A 167 -17.55 4.27 -9.30
C TYR A 167 -16.22 4.82 -9.72
N ASN A 168 -15.91 4.74 -11.00
CA ASN A 168 -14.74 5.35 -11.55
C ASN A 168 -15.09 6.74 -12.12
N ILE A 169 -14.16 7.66 -11.96
CA ILE A 169 -14.37 9.01 -12.46
C ILE A 169 -13.22 9.34 -13.42
N THR A 170 -13.56 9.57 -14.70
CA THR A 170 -12.58 9.90 -15.76
C THR A 170 -12.50 11.41 -16.03
N ASN A 171 -11.39 12.02 -15.63
CA ASN A 171 -11.10 13.40 -15.99
C ASN A 171 -11.26 13.65 -17.50
N SER A 172 -11.66 14.87 -17.83
CA SER A 172 -11.61 15.31 -19.22
C SER A 172 -10.17 15.62 -19.61
N GLU A 173 -9.93 15.65 -20.93
CA GLU A 173 -8.68 16.14 -21.54
C GLU A 173 -7.48 15.23 -21.27
N LEU A 174 -7.72 13.95 -21.04
CA LEU A 174 -6.62 12.97 -20.95
C LEU A 174 -6.32 12.31 -22.30
N SER A 175 -5.19 11.63 -22.40
CA SER A 175 -4.86 10.90 -23.63
C SER A 175 -5.97 10.00 -24.03
N GLU A 176 -6.07 9.78 -25.34
CA GLU A 176 -7.00 8.83 -25.92
C GLU A 176 -6.81 7.48 -25.32
N GLU A 177 -5.57 7.05 -25.20
CA GLU A 177 -5.28 5.71 -24.65
C GLU A 177 -5.67 5.53 -23.18
N VAL A 178 -5.38 6.49 -22.31
CA VAL A 178 -5.80 6.41 -20.92
C VAL A 178 -7.33 6.48 -20.82
N THR A 179 -7.92 7.33 -21.61
CA THR A 179 -9.35 7.52 -21.56
C THR A 179 -10.11 6.25 -22.00
N ASP A 180 -9.70 5.72 -23.14
CA ASP A 180 -10.33 4.54 -23.71
C ASP A 180 -10.06 3.33 -22.83
N SER A 181 -8.84 3.22 -22.33
CA SER A 181 -8.46 2.08 -21.49
C SER A 181 -9.33 2.01 -20.22
N MSE A 182 -9.51 3.14 -19.53
CA MSE A 182 -10.36 3.13 -18.29
C MSE A 182 -11.79 2.73 -18.64
O MSE A 182 -12.42 1.98 -17.90
CB MSE A 182 -10.31 4.47 -17.57
CG MSE A 182 -9.07 4.48 -16.73
SE MSE A 182 -8.94 5.97 -15.46
CE MSE A 182 -9.12 7.47 -16.70
N ASP A 183 -12.30 3.16 -19.79
CA ASP A 183 -13.70 2.85 -20.09
C ASP A 183 -13.86 1.38 -20.38
N GLU A 184 -12.94 0.84 -21.16
CA GLU A 184 -12.94 -0.59 -21.48
C GLU A 184 -12.77 -1.49 -20.23
N ILE A 185 -11.82 -1.11 -19.38
CA ILE A 185 -11.57 -1.88 -18.16
C ILE A 185 -12.72 -1.74 -17.16
N CYS A 186 -13.29 -0.54 -16.97
CA CYS A 186 -14.53 -0.39 -16.20
C CYS A 186 -15.63 -1.31 -16.74
N ARG A 187 -15.80 -1.34 -18.04
CA ARG A 187 -16.81 -2.26 -18.65
C ARG A 187 -16.50 -3.75 -18.33
N HIS A 188 -15.23 -4.14 -18.43
CA HIS A 188 -14.87 -5.51 -18.08
C HIS A 188 -15.35 -5.84 -16.67
N TYR A 189 -15.05 -4.98 -15.70
CA TYR A 189 -15.34 -5.24 -14.31
C TYR A 189 -16.76 -4.81 -13.86
N GLY A 190 -17.57 -4.31 -14.78
CA GLY A 190 -18.95 -3.94 -14.45
C GLY A 190 -18.98 -2.75 -13.50
N ILE A 191 -17.99 -1.88 -13.59
CA ILE A 191 -17.94 -0.67 -12.81
C ILE A 191 -18.39 0.53 -13.64
N GLU A 192 -19.34 1.31 -13.13
CA GLU A 192 -19.74 2.58 -13.81
CA GLU A 192 -19.74 2.58 -13.76
C GLU A 192 -18.59 3.58 -13.92
N ASN A 193 -18.44 4.12 -15.12
CA ASN A 193 -17.40 5.07 -15.42
C ASN A 193 -18.04 6.42 -15.69
N ILE A 194 -17.73 7.41 -14.85
CA ILE A 194 -18.28 8.78 -14.99
C ILE A 194 -17.33 9.57 -15.87
N ARG A 195 -17.76 9.84 -17.08
CA ARG A 195 -16.90 10.54 -18.03
C ARG A 195 -17.11 12.05 -17.95
N LEU A 196 -16.24 12.71 -17.20
CA LEU A 196 -16.43 14.12 -16.99
C LEU A 196 -16.31 14.93 -18.30
N HIS A 197 -17.07 16.01 -18.41
CA HIS A 197 -16.97 16.88 -19.57
C HIS A 197 -17.11 18.34 -19.14
N ASP A 198 -16.51 19.25 -19.88
CA ASP A 198 -16.71 20.69 -19.65
C ASP A 198 -16.39 21.06 -18.21
N ILE A 199 -15.22 20.64 -17.79
CA ILE A 199 -14.71 20.96 -16.46
C ILE A 199 -13.75 22.16 -16.54
N ASP A 200 -14.15 23.27 -15.93
CA ASP A 200 -13.34 24.46 -15.91
C ASP A 200 -12.11 24.21 -15.05
N LYS A 201 -10.97 24.49 -15.62
CA LYS A 201 -9.72 24.32 -14.92
C LYS A 201 -8.85 25.58 -14.90
N GLN A 202 -8.11 25.71 -13.83
CA GLN A 202 -7.08 26.73 -13.70
C GLN A 202 -5.83 26.05 -13.23
N TRP A 203 -4.72 26.30 -13.91
CA TRP A 203 -3.46 25.61 -13.60
C TRP A 203 -3.64 24.13 -13.61
N GLY A 204 -4.43 23.67 -14.58
CA GLY A 204 -4.60 22.22 -14.87
C GLY A 204 -5.44 21.47 -13.86
N HIS A 205 -6.04 22.22 -12.94
CA HIS A 205 -6.86 21.59 -11.89
C HIS A 205 -8.20 22.30 -11.71
N PRO A 206 -9.22 21.57 -11.23
CA PRO A 206 -10.52 22.28 -11.28
C PRO A 206 -10.57 23.55 -10.44
N SER A 207 -11.29 24.51 -10.99
CA SER A 207 -11.64 25.77 -10.39
C SER A 207 -12.86 25.55 -9.54
N VAL A 208 -13.31 26.60 -8.90
CA VAL A 208 -14.51 26.53 -8.10
C VAL A 208 -15.66 26.09 -8.97
N GLN A 209 -15.78 26.71 -10.14
CA GLN A 209 -16.76 26.27 -11.15
C GLN A 209 -16.59 24.80 -11.59
N GLY A 210 -15.36 24.42 -11.93
CA GLY A 210 -15.07 23.04 -12.30
C GLY A 210 -15.46 22.03 -11.22
N MSE A 211 -15.18 22.37 -9.97
CA MSE A 211 -15.54 21.49 -8.85
C MSE A 211 -17.04 21.29 -8.76
O MSE A 211 -17.50 20.17 -8.46
CB MSE A 211 -15.06 22.07 -7.52
CG MSE A 211 -13.59 22.09 -7.30
SE MSE A 211 -12.79 20.27 -7.29
CE MSE A 211 -11.01 20.76 -6.63
N GLN A 212 -17.81 22.35 -9.03
CA GLN A 212 -19.27 22.22 -9.05
C GLN A 212 -19.74 21.30 -10.11
N SER A 213 -19.13 21.42 -11.29
CA SER A 213 -19.49 20.56 -12.43
C SER A 213 -19.20 19.11 -12.12
N ILE A 214 -18.05 18.84 -11.48
CA ILE A 214 -17.68 17.45 -11.12
C ILE A 214 -18.70 16.87 -10.15
N ASP A 215 -18.95 17.60 -9.08
CA ASP A 215 -20.03 17.27 -8.11
C ASP A 215 -21.31 16.90 -8.82
N ALA A 216 -21.78 17.81 -9.70
CA ALA A 216 -23.05 17.58 -10.36
C ALA A 216 -23.01 16.37 -11.27
N GLN A 217 -21.92 16.19 -12.02
CA GLN A 217 -21.83 15.06 -12.92
C GLN A 217 -21.68 13.72 -12.21
N VAL A 218 -20.94 13.67 -11.10
CA VAL A 218 -20.88 12.45 -10.28
C VAL A 218 -22.30 12.11 -9.78
N TRP A 219 -23.04 13.12 -9.31
CA TRP A 219 -24.38 12.88 -8.76
C TRP A 219 -25.34 12.40 -9.85
N GLU A 220 -25.24 12.93 -11.07
CA GLU A 220 -26.01 12.38 -12.19
C GLU A 220 -25.87 10.87 -12.31
N SER A 221 -24.68 10.32 -12.11
CA SER A 221 -24.47 8.87 -12.31
CA SER A 221 -24.45 8.88 -12.30
C SER A 221 -24.81 8.08 -11.04
N VAL A 222 -24.48 8.62 -9.88
CA VAL A 222 -24.67 7.87 -8.64
C VAL A 222 -26.16 7.83 -8.21
N SER A 223 -26.91 8.90 -8.45
CA SER A 223 -28.31 9.01 -8.03
C SER A 223 -29.16 7.80 -8.33
N PRO A 224 -29.34 7.45 -9.62
CA PRO A 224 -30.26 6.34 -9.88
C PRO A 224 -29.90 5.08 -9.11
N ILE A 225 -28.68 4.60 -9.28
CA ILE A 225 -28.17 3.46 -8.50
C ILE A 225 -27.94 3.83 -7.02
N ASN B 14 32.14 -17.61 -11.78
CA ASN B 14 32.59 -16.38 -11.01
C ASN B 14 31.43 -15.43 -10.87
N LEU B 15 31.53 -14.61 -9.85
CA LEU B 15 30.45 -13.73 -9.48
C LEU B 15 30.07 -12.80 -10.62
N TYR B 16 31.06 -12.36 -11.41
CA TYR B 16 30.76 -11.33 -12.44
C TYR B 16 29.84 -11.82 -13.58
N PHE B 17 29.74 -13.13 -13.77
CA PHE B 17 28.86 -13.65 -14.79
C PHE B 17 27.44 -13.09 -14.66
N GLN B 18 26.83 -13.21 -13.49
CA GLN B 18 25.47 -12.69 -13.25
C GLN B 18 25.43 -11.50 -12.32
N GLY B 19 26.58 -11.07 -11.82
CA GLY B 19 26.60 -9.94 -10.88
C GLY B 19 26.12 -10.42 -9.54
N GLN B 20 25.95 -9.52 -8.59
CA GLN B 20 25.41 -9.86 -7.26
C GLN B 20 23.91 -9.93 -7.22
N LYS B 21 23.40 -10.94 -6.53
CA LYS B 21 21.96 -11.06 -6.29
C LYS B 21 21.48 -9.97 -5.34
N LYS B 22 20.28 -9.47 -5.64
CA LYS B 22 19.67 -8.34 -4.96
C LYS B 22 18.68 -8.86 -3.92
N VAL B 23 18.91 -8.43 -2.71
CA VAL B 23 18.12 -8.79 -1.52
C VAL B 23 17.25 -7.59 -1.12
N SER B 24 15.95 -7.86 -0.95
CA SER B 24 15.05 -6.93 -0.32
C SER B 24 14.47 -7.56 0.97
N ILE B 25 14.16 -6.70 1.94
CA ILE B 25 13.61 -7.05 3.23
C ILE B 25 12.26 -6.37 3.43
N LEU B 26 11.30 -7.12 3.95
CA LEU B 26 10.01 -6.63 4.39
C LEU B 26 9.93 -6.96 5.86
N GLY B 27 10.09 -5.94 6.69
CA GLY B 27 10.33 -6.15 8.12
C GLY B 27 9.65 -5.18 9.04
N ASP B 28 9.92 -5.43 10.31
CA ASP B 28 9.51 -4.58 11.39
C ASP B 28 10.79 -4.01 12.11
N SER B 29 10.68 -3.60 13.37
CA SER B 29 11.83 -2.95 14.09
C SER B 29 13.08 -3.77 13.99
N TYR B 30 12.96 -5.11 14.00
CA TYR B 30 14.14 -6.00 14.08
C TYR B 30 15.05 -5.82 12.86
N SER B 31 14.46 -5.32 11.77
CA SER B 31 15.16 -5.11 10.49
C SER B 31 15.31 -3.62 10.14
N THR B 32 15.07 -2.73 11.09
CA THR B 32 15.26 -1.30 10.87
C THR B 32 16.64 -0.81 11.30
N PHE B 33 17.11 0.26 10.62
CA PHE B 33 18.16 1.13 11.12
C PHE B 33 17.90 2.48 10.46
N TYR B 34 17.83 3.49 11.30
CA TYR B 34 17.73 4.90 10.86
C TYR B 34 18.60 5.21 9.66
N GLY B 35 17.97 5.74 8.62
CA GLY B 35 18.65 6.12 7.40
C GLY B 35 18.89 5.02 6.41
N HIS B 36 18.46 3.81 6.72
CA HIS B 36 18.71 2.67 5.86
C HIS B 36 17.42 1.92 5.55
N VAL B 37 16.27 2.59 5.67
CA VAL B 37 15.01 1.97 5.29
C VAL B 37 14.38 2.75 4.13
N SER B 38 13.55 2.10 3.34
CA SER B 38 12.80 2.77 2.29
CA SER B 38 12.80 2.78 2.28
C SER B 38 11.38 2.28 2.30
N PRO B 39 10.42 3.21 2.30
CA PRO B 39 10.55 4.68 2.38
C PRO B 39 11.35 5.15 3.61
N ALA B 40 12.02 6.28 3.44
CA ALA B 40 12.82 6.87 4.51
C ALA B 40 11.97 7.23 5.71
N ALA B 41 10.71 7.57 5.48
CA ALA B 41 9.83 7.94 6.60
C ALA B 41 9.36 6.74 7.46
N ASN B 42 9.61 5.50 7.02
CA ASN B 42 9.32 4.35 7.86
C ASN B 42 9.93 4.49 9.25
N LEU B 43 9.13 4.23 10.28
CA LEU B 43 9.62 4.33 11.67
C LEU B 43 10.75 3.33 11.89
N CYS B 44 11.79 3.77 12.61
CA CYS B 44 12.93 2.89 12.96
C CYS B 44 13.06 2.70 14.47
N TRP B 45 13.64 1.58 14.90
CA TRP B 45 13.91 1.33 16.33
C TRP B 45 15.40 1.55 16.67
N TYR B 46 16.29 1.20 15.71
CA TYR B 46 17.72 1.32 15.91
C TYR B 46 18.31 2.56 15.25
N GLY B 47 19.28 3.17 15.91
CA GLY B 47 20.00 4.31 15.36
C GLY B 47 19.28 5.65 15.26
N VAL B 48 18.21 5.82 16.02
CA VAL B 48 17.37 6.98 15.87
C VAL B 48 17.92 8.06 16.81
N PRO B 49 18.40 9.19 16.27
CA PRO B 49 18.99 10.25 17.15
C PRO B 49 18.02 10.73 18.23
N GLY B 50 18.48 10.77 19.49
CA GLY B 50 17.65 11.17 20.61
C GLY B 50 16.64 10.16 21.10
N GLU B 51 16.69 8.94 20.60
CA GLU B 51 15.78 7.89 21.09
C GLU B 51 16.59 6.67 21.44
N LYS B 52 17.58 6.86 22.33
CA LYS B 52 18.44 5.77 22.79
C LYS B 52 17.63 4.67 23.54
N LYS B 53 17.94 3.43 23.18
CA LYS B 53 17.29 2.23 23.70
C LYS B 53 18.25 1.58 24.72
N GLU B 54 17.76 0.77 25.66
CA GLU B 54 18.65 -0.01 26.50
C GLU B 54 18.95 -1.32 25.75
N ASN B 55 19.83 -1.22 24.78
CA ASN B 55 20.13 -2.25 23.82
C ASN B 55 21.44 -1.84 23.20
N ASP B 56 22.33 -2.79 22.96
CA ASP B 56 23.74 -2.46 22.64
C ASP B 56 24.05 -2.29 21.16
N VAL B 57 23.03 -2.40 20.30
CA VAL B 57 23.25 -2.18 18.90
C VAL B 57 23.35 -0.68 18.61
N THR B 58 24.49 -0.21 18.11
CA THR B 58 24.70 1.22 17.77
C THR B 58 25.03 1.53 16.28
N LYS B 59 25.34 0.51 15.47
CA LYS B 59 25.85 0.72 14.10
C LYS B 59 25.15 -0.18 13.11
N VAL B 60 24.92 0.31 11.89
CA VAL B 60 24.16 -0.47 10.90
C VAL B 60 24.89 -1.78 10.58
N GLU B 61 26.23 -1.79 10.75
CA GLU B 61 27.06 -2.98 10.41
C GLU B 61 26.81 -4.14 11.34
N GLU B 62 26.19 -3.87 12.49
CA GLU B 62 25.83 -4.89 13.50
C GLU B 62 24.50 -5.53 13.17
N THR B 63 23.70 -4.92 12.29
CA THR B 63 22.34 -5.46 12.03
C THR B 63 22.42 -6.79 11.28
N TRP B 64 21.42 -7.65 11.48
CA TRP B 64 21.46 -9.00 10.92
C TRP B 64 21.56 -8.94 9.40
N TRP B 65 20.86 -7.99 8.80
CA TRP B 65 20.63 -7.99 7.33
C TRP B 65 21.81 -7.39 6.61
N TYR B 66 22.46 -6.40 7.25
CA TYR B 66 23.66 -5.79 6.69
C TYR B 66 24.79 -6.81 6.69
N ARG B 67 24.92 -7.51 7.80
CA ARG B 67 25.84 -8.59 7.93
C ARG B 67 25.51 -9.66 6.89
N PHE B 68 24.25 -10.08 6.82
CA PHE B 68 23.91 -11.15 5.85
C PHE B 68 24.29 -10.76 4.40
N ILE B 69 23.97 -9.55 4.05
CA ILE B 69 24.23 -9.07 2.68
C ILE B 69 25.74 -8.92 2.41
N HIS B 70 26.47 -8.30 3.31
CA HIS B 70 27.87 -8.01 3.04
C HIS B 70 28.78 -9.22 3.19
N GLU B 71 28.36 -10.21 3.96
CA GLU B 71 29.16 -11.41 4.15
C GLU B 71 29.03 -12.39 3.01
N HIS B 72 27.98 -12.32 2.22
CA HIS B 72 27.64 -13.45 1.32
C HIS B 72 27.44 -13.08 -0.14
N GLY B 73 27.99 -11.95 -0.52
CA GLY B 73 28.09 -11.61 -1.93
C GLY B 73 26.82 -11.02 -2.51
N PHE B 74 26.00 -10.41 -1.65
CA PHE B 74 24.73 -9.86 -2.08
C PHE B 74 24.79 -8.37 -2.16
N GLN B 75 23.69 -7.78 -2.63
CA GLN B 75 23.51 -6.35 -2.73
C GLN B 75 22.12 -6.00 -2.16
N LEU B 76 22.04 -4.94 -1.37
CA LEU B 76 20.75 -4.51 -0.81
C LEU B 76 19.97 -3.84 -1.94
N GLU B 77 18.75 -4.28 -2.19
CA GLU B 77 17.84 -3.57 -3.09
C GLU B 77 16.94 -2.61 -2.28
N ARG B 78 16.01 -3.13 -1.48
CA ARG B 78 15.23 -2.26 -0.60
C ARG B 78 15.05 -2.89 0.76
N ASN B 79 15.33 -2.12 1.82
CA ASN B 79 14.94 -2.48 3.18
C ASN B 79 13.65 -1.77 3.66
N ASN B 80 12.51 -2.40 3.35
CA ASN B 80 11.22 -1.87 3.69
C ASN B 80 10.83 -2.43 5.01
N SER B 81 11.33 -1.78 6.06
CA SER B 81 11.10 -2.19 7.41
C SER B 81 10.56 -0.98 8.15
N TYR B 82 9.68 -1.27 9.11
CA TYR B 82 8.83 -0.25 9.76
C TYR B 82 8.51 -0.70 11.18
N SER B 83 9.02 0.05 12.17
CA SER B 83 8.86 -0.27 13.58
C SER B 83 7.41 -0.44 14.01
N GLY B 84 7.13 -1.54 14.70
CA GLY B 84 5.80 -1.73 15.22
C GLY B 84 4.83 -2.33 14.23
N SER B 85 5.20 -2.38 12.96
CA SER B 85 4.25 -2.79 11.92
C SER B 85 3.90 -4.26 12.04
N THR B 86 2.64 -4.52 11.78
CA THR B 86 2.06 -5.83 11.78
C THR B 86 1.88 -6.42 10.38
N VAL B 87 1.78 -7.74 10.30
CA VAL B 87 1.43 -8.39 9.07
C VAL B 87 -0.01 -8.03 8.72
N CYS B 88 -0.93 -8.16 9.68
CA CYS B 88 -2.33 -7.92 9.44
C CYS B 88 -2.68 -6.44 9.75
N HIS B 89 -3.90 -6.02 9.42
CA HIS B 89 -4.30 -4.62 9.61
C HIS B 89 -4.71 -4.24 11.02
N THR B 90 -4.76 -5.18 11.95
CA THR B 90 -4.95 -4.83 13.35
C THR B 90 -3.64 -4.48 14.05
N GLY B 91 -3.52 -3.25 14.52
CA GLY B 91 -2.39 -2.90 15.37
C GLY B 91 -2.58 -2.91 16.87
N TYR B 92 -1.67 -2.22 17.58
CA TYR B 92 -1.72 -2.07 19.02
C TYR B 92 -2.95 -1.26 19.48
N GLU B 93 -3.56 -1.74 20.56
CA GLU B 93 -4.77 -1.18 21.15
C GLU B 93 -5.89 -1.15 20.09
N LYS B 94 -5.98 -2.22 19.31
CA LYS B 94 -6.91 -2.30 18.18
C LYS B 94 -6.78 -1.10 17.19
N ALA B 95 -5.66 -0.34 17.19
CA ALA B 95 -5.47 0.70 16.19
C ALA B 95 -5.59 0.11 14.77
N ASP B 96 -6.00 0.94 13.83
CA ASP B 96 -6.05 0.54 12.44
C ASP B 96 -4.67 0.73 11.76
N TYR B 97 -3.98 -0.36 11.44
CA TYR B 97 -2.66 -0.31 10.83
C TYR B 97 -2.71 -0.52 9.30
N SER B 98 -3.86 -0.22 8.70
CA SER B 98 -4.04 -0.30 7.25
C SER B 98 -3.07 0.63 6.54
N ASP B 99 -2.52 1.62 7.28
CA ASP B 99 -1.56 2.55 6.70
C ASP B 99 -0.12 2.00 6.69
N ARG B 100 0.17 0.91 7.37
CA ARG B 100 1.55 0.45 7.52
C ARG B 100 1.76 -1.07 7.62
N SER B 101 0.74 -1.86 7.35
CA SER B 101 0.85 -3.27 7.55
C SER B 101 1.68 -3.88 6.45
N PHE B 102 2.28 -5.06 6.69
CA PHE B 102 3.19 -5.65 5.69
C PHE B 102 2.45 -5.77 4.34
N ILE B 103 1.19 -6.11 4.42
CA ILE B 103 0.42 -6.46 3.22
C ILE B 103 0.12 -5.24 2.35
N THR B 104 0.36 -4.07 2.87
CA THR B 104 0.18 -2.85 2.15
C THR B 104 1.49 -2.33 1.55
N ARG B 105 2.62 -2.98 1.86
CA ARG B 105 3.93 -2.58 1.38
C ARG B 105 4.59 -3.49 0.36
N ILE B 106 3.87 -4.52 -0.09
CA ILE B 106 4.39 -5.56 -0.96
C ILE B 106 4.78 -5.11 -2.37
N HIS B 107 4.28 -3.97 -2.84
CA HIS B 107 4.69 -3.39 -4.12
C HIS B 107 5.96 -2.56 -4.08
N ASN B 108 6.50 -2.27 -2.91
CA ASN B 108 7.61 -1.34 -2.81
C ASN B 108 8.87 -2.04 -2.23
N LEU B 109 9.43 -2.94 -3.03
CA LEU B 109 10.60 -3.73 -2.71
C LEU B 109 11.66 -3.73 -3.82
N GLY B 110 11.55 -2.80 -4.76
CA GLY B 110 12.43 -2.71 -5.89
C GLY B 110 12.27 -3.95 -6.78
N THR B 111 13.40 -4.42 -7.33
CA THR B 111 13.43 -5.57 -8.24
C THR B 111 14.37 -6.66 -7.69
N PRO B 112 13.92 -7.35 -6.63
CA PRO B 112 14.82 -8.24 -5.89
C PRO B 112 14.91 -9.59 -6.53
N ASP B 113 16.03 -10.25 -6.31
CA ASP B 113 16.17 -11.68 -6.63
C ASP B 113 15.76 -12.51 -5.41
N ILE B 114 15.96 -11.93 -4.23
CA ILE B 114 15.71 -12.61 -2.93
C ILE B 114 14.90 -11.68 -2.07
N ILE B 115 13.82 -12.20 -1.53
CA ILE B 115 13.01 -11.45 -0.60
C ILE B 115 12.98 -12.17 0.77
N LEU B 116 13.31 -11.42 1.80
CA LEU B 116 13.28 -11.90 3.16
C LEU B 116 12.16 -11.19 3.95
N VAL B 117 11.17 -11.97 4.33
CA VAL B 117 10.01 -11.54 5.10
C VAL B 117 10.25 -11.84 6.55
N PHE B 118 10.25 -10.79 7.38
CA PHE B 118 10.56 -10.92 8.82
C PHE B 118 9.53 -10.14 9.69
N GLY B 119 8.41 -10.78 9.90
CA GLY B 119 7.25 -10.18 10.59
C GLY B 119 6.52 -11.14 11.49
N GLY B 120 5.51 -10.57 12.15
CA GLY B 120 4.69 -11.29 13.07
C GLY B 120 4.86 -10.97 14.53
N THR B 121 6.03 -10.45 14.89
CA THR B 121 6.24 -10.08 16.26
C THR B 121 5.19 -9.09 16.78
N ASN B 122 4.88 -8.07 16.00
CA ASN B 122 3.90 -7.11 16.45
C ASN B 122 2.47 -7.72 16.46
N ASP B 123 2.16 -8.61 15.51
CA ASP B 123 0.88 -9.27 15.53
C ASP B 123 0.71 -10.01 16.87
N SER B 124 1.78 -10.69 17.32
CA SER B 124 1.79 -11.43 18.56
C SER B 124 1.71 -10.53 19.77
N TRP B 125 2.60 -9.56 19.85
CA TRP B 125 2.58 -8.64 21.00
C TRP B 125 1.31 -7.83 21.08
N ALA B 126 0.73 -7.44 19.95
CA ALA B 126 -0.50 -6.63 20.03
C ALA B 126 -1.76 -7.49 20.27
N GLY B 127 -1.67 -8.81 20.17
CA GLY B 127 -2.83 -9.67 20.40
C GLY B 127 -3.85 -9.50 19.27
N ALA B 128 -3.38 -9.32 18.03
CA ALA B 128 -4.27 -9.25 16.90
C ALA B 128 -5.04 -10.59 16.78
N PRO B 129 -6.27 -10.57 16.27
CA PRO B 129 -7.08 -11.79 16.11
C PRO B 129 -6.40 -12.71 15.15
N ILE B 130 -6.46 -13.99 15.41
CA ILE B 130 -5.77 -14.99 14.58
C ILE B 130 -6.57 -15.38 13.34
N GLY B 131 -7.89 -15.45 13.48
CA GLY B 131 -8.77 -15.77 12.37
C GLY B 131 -8.51 -17.17 11.83
N ALA B 132 -8.84 -17.37 10.56
CA ALA B 132 -8.85 -18.66 9.88
C ALA B 132 -7.89 -18.67 8.70
N TYR B 133 -7.30 -19.83 8.42
CA TYR B 133 -6.54 -19.99 7.20
C TYR B 133 -7.47 -19.61 6.05
N GLN B 134 -6.93 -18.99 5.04
CA GLN B 134 -7.73 -18.44 3.96
C GLN B 134 -6.86 -18.23 2.74
N TYR B 135 -7.16 -18.98 1.68
CA TYR B 135 -6.26 -19.05 0.55
C TYR B 135 -6.87 -18.41 -0.73
N ASP B 136 -7.95 -17.64 -0.57
CA ASP B 136 -8.52 -16.84 -1.67
C ASP B 136 -9.58 -15.93 -1.08
N GLY B 137 -10.06 -14.97 -1.85
CA GLY B 137 -11.28 -14.25 -1.54
C GLY B 137 -11.17 -13.24 -0.44
N TRP B 138 -9.94 -12.87 -0.14
CA TRP B 138 -9.65 -11.95 0.98
C TRP B 138 -10.33 -10.59 0.87
N THR B 139 -11.20 -10.29 1.84
CA THR B 139 -11.79 -8.96 1.98
C THR B 139 -10.89 -8.12 2.90
N LYS B 140 -11.03 -6.83 2.81
CA LYS B 140 -10.34 -5.94 3.75
C LYS B 140 -10.64 -6.33 5.22
N ALA B 141 -11.91 -6.64 5.49
CA ALA B 141 -12.35 -7.05 6.82
C ALA B 141 -11.60 -8.31 7.29
N ASP B 142 -11.52 -9.33 6.42
CA ASP B 142 -10.81 -10.58 6.72
C ASP B 142 -9.38 -10.29 7.13
N LEU B 143 -8.80 -9.24 6.55
CA LEU B 143 -7.35 -9.03 6.64
C LEU B 143 -6.88 -8.27 7.90
N TYR B 144 -7.84 -7.90 8.76
CA TYR B 144 -7.62 -7.56 10.16
C TYR B 144 -7.16 -8.76 11.02
N SER B 145 -7.29 -9.99 10.53
CA SER B 145 -6.83 -11.15 11.25
C SER B 145 -5.48 -11.69 10.70
N PHE B 146 -4.73 -12.36 11.55
CA PHE B 146 -3.39 -12.75 11.22
C PHE B 146 -3.30 -13.82 10.13
N ARG B 147 -4.01 -14.92 10.30
CA ARG B 147 -3.91 -15.98 9.28
C ARG B 147 -4.30 -15.51 7.85
N PRO B 148 -5.49 -14.88 7.69
CA PRO B 148 -5.78 -14.45 6.31
C PRO B 148 -4.71 -13.47 5.80
N ALA B 149 -4.26 -12.54 6.65
CA ALA B 149 -3.24 -11.61 6.23
C ALA B 149 -1.92 -12.24 5.81
N PHE B 150 -1.43 -13.20 6.60
CA PHE B 150 -0.20 -13.88 6.26
C PHE B 150 -0.40 -14.76 5.04
N CYS B 151 -1.53 -15.44 4.91
CA CYS B 151 -1.82 -16.09 3.61
C CYS B 151 -1.82 -15.11 2.43
N TYR B 152 -2.47 -13.96 2.59
CA TYR B 152 -2.52 -12.98 1.50
C TYR B 152 -1.08 -12.47 1.17
N LEU B 153 -0.26 -12.27 2.22
CA LEU B 153 1.12 -11.85 2.07
C LEU B 153 1.94 -12.76 1.16
N LEU B 154 2.00 -14.04 1.50
CA LEU B 154 2.76 -15.01 0.68
C LEU B 154 2.15 -15.24 -0.69
N ALA B 155 0.84 -15.31 -0.74
CA ALA B 155 0.16 -15.50 -2.01
C ALA B 155 0.51 -14.38 -2.97
N SER B 156 0.37 -13.14 -2.47
CA SER B 156 0.61 -11.96 -3.28
C SER B 156 2.10 -11.82 -3.66
N LEU B 157 3.01 -12.07 -2.73
CA LEU B 157 4.44 -11.96 -3.06
C LEU B 157 4.83 -12.94 -4.15
N LYS B 158 4.30 -14.15 -4.06
CA LYS B 158 4.53 -15.16 -5.11
C LYS B 158 4.01 -14.77 -6.49
N GLN B 159 2.88 -14.08 -6.56
CA GLN B 159 2.36 -13.55 -7.82
C GLN B 159 3.17 -12.33 -8.33
N LEU B 160 3.47 -11.40 -7.45
CA LEU B 160 4.21 -10.21 -7.85
C LEU B 160 5.70 -10.43 -8.20
N TYR B 161 6.35 -11.41 -7.54
CA TYR B 161 7.80 -11.67 -7.75
C TYR B 161 8.03 -13.14 -8.10
N PRO B 162 7.56 -13.58 -9.27
CA PRO B 162 7.68 -15.00 -9.64
C PRO B 162 9.10 -15.43 -9.96
N ALA B 163 9.96 -14.46 -10.25
CA ALA B 163 11.36 -14.71 -10.53
C ALA B 163 12.22 -14.60 -9.28
N ALA B 164 11.65 -14.29 -8.10
CA ALA B 164 12.39 -14.14 -6.84
C ALA B 164 12.32 -15.39 -6.00
N ARG B 165 13.31 -15.56 -5.12
CA ARG B 165 13.19 -16.53 -4.02
C ARG B 165 12.76 -15.79 -2.76
N ILE B 166 11.76 -16.34 -2.08
CA ILE B 166 11.20 -15.72 -0.90
C ILE B 166 11.41 -16.63 0.25
N TYR B 167 11.90 -16.04 1.32
CA TYR B 167 12.10 -16.71 2.61
C TYR B 167 11.36 -16.00 3.72
N ASN B 168 10.69 -16.77 4.56
CA ASN B 168 10.09 -16.26 5.78
C ASN B 168 11.00 -16.46 7.00
N ILE B 169 11.00 -15.46 7.87
CA ILE B 169 11.82 -15.53 9.10
C ILE B 169 10.90 -15.36 10.31
N THR B 170 10.83 -16.43 11.14
CA THR B 170 10.02 -16.48 12.35
C THR B 170 10.85 -16.16 13.61
N ASN B 171 10.57 -15.01 14.20
CA ASN B 171 11.14 -14.65 15.52
C ASN B 171 10.86 -15.71 16.58
N SER B 172 11.79 -15.86 17.49
CA SER B 172 11.57 -16.69 18.66
C SER B 172 10.63 -15.96 19.62
N GLU B 173 10.02 -16.75 20.52
CA GLU B 173 9.27 -16.27 21.68
C GLU B 173 7.98 -15.53 21.29
N LEU B 174 7.39 -15.93 20.16
CA LEU B 174 6.05 -15.42 19.81
C LEU B 174 5.00 -16.37 20.28
N SER B 175 3.74 -15.94 20.27
CA SER B 175 2.65 -16.79 20.65
C SER B 175 2.67 -18.06 19.84
N GLU B 176 2.21 -19.13 20.47
CA GLU B 176 2.09 -20.42 19.79
CA GLU B 176 2.03 -20.44 19.79
C GLU B 176 1.22 -20.28 18.51
N GLU B 177 0.13 -19.50 18.57
CA GLU B 177 -0.76 -19.33 17.42
C GLU B 177 -0.10 -18.57 16.23
N VAL B 178 0.61 -17.47 16.49
CA VAL B 178 1.36 -16.79 15.42
C VAL B 178 2.50 -17.69 14.86
N THR B 179 3.19 -18.38 15.74
CA THR B 179 4.30 -19.22 15.34
C THR B 179 3.85 -20.40 14.45
N ASP B 180 2.85 -21.12 14.91
CA ASP B 180 2.35 -22.28 14.23
C ASP B 180 1.64 -21.88 12.94
N SER B 181 0.92 -20.76 12.97
CA SER B 181 0.24 -20.34 11.78
C SER B 181 1.22 -20.04 10.65
N MSE B 182 2.32 -19.35 10.94
CA MSE B 182 3.29 -19.00 9.90
C MSE B 182 3.91 -20.26 9.33
O MSE B 182 4.12 -20.36 8.12
CB MSE B 182 4.38 -18.02 10.42
CG MSE B 182 3.83 -16.63 10.33
SE MSE B 182 5.19 -15.20 10.63
CE MSE B 182 5.77 -15.70 12.44
N ASP B 183 4.18 -21.24 10.16
CA ASP B 183 4.79 -22.47 9.66
C ASP B 183 3.83 -23.22 8.75
N GLU B 184 2.58 -23.32 9.16
CA GLU B 184 1.56 -23.96 8.36
C GLU B 184 1.32 -23.25 7.01
N ILE B 185 1.27 -21.93 7.05
CA ILE B 185 1.02 -21.12 5.86
C ILE B 185 2.25 -21.15 4.93
N CYS B 186 3.46 -21.01 5.47
CA CYS B 186 4.70 -21.19 4.69
C CYS B 186 4.69 -22.54 3.99
N ARG B 187 4.29 -23.58 4.71
CA ARG B 187 4.21 -24.93 4.10
C ARG B 187 3.17 -24.98 2.96
N HIS B 188 2.02 -24.36 3.16
CA HIS B 188 1.00 -24.29 2.09
C HIS B 188 1.59 -23.69 0.82
N TYR B 189 2.31 -22.58 0.96
CA TYR B 189 2.84 -21.85 -0.19
C TYR B 189 4.22 -22.30 -0.67
N GLY B 190 4.80 -23.31 -0.01
CA GLY B 190 6.13 -23.85 -0.39
C GLY B 190 7.23 -22.82 -0.15
N ILE B 191 7.04 -21.94 0.84
CA ILE B 191 8.03 -20.97 1.23
C ILE B 191 8.81 -21.50 2.45
N GLU B 192 10.13 -21.47 2.36
CA GLU B 192 11.02 -21.82 3.47
C GLU B 192 10.84 -20.91 4.65
N ASN B 193 10.68 -21.52 5.80
CA ASN B 193 10.44 -20.81 7.04
C ASN B 193 11.62 -20.96 7.94
N ILE B 194 12.28 -19.83 8.29
CA ILE B 194 13.46 -19.88 9.11
C ILE B 194 13.05 -19.67 10.57
N ARG B 195 13.12 -20.73 11.35
CA ARG B 195 12.64 -20.65 12.71
C ARG B 195 13.77 -20.25 13.63
N LEU B 196 13.85 -18.97 13.97
CA LEU B 196 14.95 -18.54 14.78
C LEU B 196 14.92 -19.18 16.16
N HIS B 197 16.10 -19.41 16.74
CA HIS B 197 16.18 -19.92 18.10
C HIS B 197 17.35 -19.29 18.84
N ASP B 198 17.22 -19.12 20.16
CA ASP B 198 18.35 -18.66 20.98
C ASP B 198 18.88 -17.31 20.49
N ILE B 199 17.96 -16.37 20.32
CA ILE B 199 18.26 -15.04 19.91
C ILE B 199 18.34 -14.09 21.13
N ASP B 200 19.53 -13.61 21.44
CA ASP B 200 19.72 -12.69 22.56
C ASP B 200 19.01 -11.41 22.28
N LYS B 201 18.18 -10.99 23.23
CA LYS B 201 17.46 -9.72 23.13
C LYS B 201 17.64 -8.78 24.32
N GLN B 202 17.52 -7.51 24.03
CA GLN B 202 17.54 -6.46 25.03
C GLN B 202 16.41 -5.50 24.71
N TRP B 203 15.55 -5.24 25.70
CA TRP B 203 14.34 -4.44 25.50
C TRP B 203 13.53 -5.05 24.38
N GLY B 204 13.49 -6.39 24.35
CA GLY B 204 12.62 -7.15 23.41
C GLY B 204 13.06 -7.19 21.96
N HIS B 205 14.25 -6.65 21.70
CA HIS B 205 14.79 -6.60 20.34
C HIS B 205 16.22 -7.12 20.28
N PRO B 206 16.65 -7.67 19.12
CA PRO B 206 17.97 -8.25 19.19
C PRO B 206 19.13 -7.28 19.60
N SER B 207 20.05 -7.86 20.38
CA SER B 207 21.32 -7.28 20.77
C SER B 207 22.32 -7.50 19.64
N VAL B 208 23.54 -7.04 19.84
CA VAL B 208 24.60 -7.28 18.86
C VAL B 208 24.77 -8.77 18.67
N GLN B 209 24.81 -9.52 19.77
CA GLN B 209 24.88 -10.98 19.71
C GLN B 209 23.69 -11.58 18.99
N GLY B 210 22.49 -11.13 19.32
CA GLY B 210 21.27 -11.65 18.70
C GLY B 210 21.25 -11.42 17.20
N MSE B 211 21.71 -10.24 16.77
CA MSE B 211 21.81 -9.93 15.34
C MSE B 211 22.74 -10.90 14.61
O MSE B 211 22.45 -11.36 13.49
CB MSE B 211 22.30 -8.52 15.12
CG MSE B 211 21.36 -7.42 15.54
SE MSE B 211 19.68 -7.49 14.47
CE MSE B 211 18.99 -5.74 15.06
N GLN B 212 23.84 -11.30 15.27
CA GLN B 212 24.77 -12.25 14.65
C GLN B 212 24.15 -13.62 14.52
N SER B 213 23.39 -14.01 15.54
CA SER B 213 22.72 -15.28 15.50
C SER B 213 21.70 -15.32 14.37
N ILE B 214 20.98 -14.21 14.20
CA ILE B 214 19.96 -14.15 13.14
C ILE B 214 20.62 -14.29 11.77
N ASP B 215 21.62 -13.48 11.54
CA ASP B 215 22.45 -13.58 10.31
C ASP B 215 22.86 -15.02 10.02
N ALA B 216 23.47 -15.67 11.00
CA ALA B 216 23.97 -17.01 10.78
C ALA B 216 22.82 -17.96 10.49
N GLN B 217 21.71 -17.84 11.21
CA GLN B 217 20.60 -18.80 11.02
C GLN B 217 19.87 -18.64 9.68
N VAL B 218 19.66 -17.40 9.25
CA VAL B 218 19.17 -17.13 7.89
C VAL B 218 20.10 -17.75 6.82
N TRP B 219 21.40 -17.59 6.99
CA TRP B 219 22.35 -18.17 6.02
C TRP B 219 22.28 -19.70 6.00
N GLU B 220 22.18 -20.35 7.16
CA GLU B 220 21.97 -21.80 7.19
C GLU B 220 20.87 -22.26 6.24
N SER B 221 19.78 -21.50 6.13
CA SER B 221 18.66 -21.92 5.28
C SER B 221 18.81 -21.46 3.82
N VAL B 222 19.32 -20.27 3.61
CA VAL B 222 19.42 -19.70 2.27
C VAL B 222 20.55 -20.36 1.43
N SER B 223 21.68 -20.69 2.05
CA SER B 223 22.85 -21.22 1.30
C SER B 223 22.56 -22.45 0.41
N PRO B 224 21.93 -23.53 0.92
CA PRO B 224 21.66 -24.63 -0.05
C PRO B 224 20.78 -24.20 -1.24
N ILE B 225 19.58 -23.69 -0.93
CA ILE B 225 18.44 -23.53 -1.87
C ILE B 225 18.69 -22.70 -3.13
C ACT C . -2.58 15.84 -10.04
O ACT C . -2.09 16.95 -9.80
OXT ACT C . -2.42 14.92 -9.23
CH3 ACT C . -3.39 15.58 -11.27
CL CL D . -2.49 4.65 2.38
C ACT E . 8.85 -4.25 16.58
O ACT E . 8.55 -3.85 15.42
OXT ACT E . 9.29 -3.46 17.44
CH3 ACT E . 8.71 -5.72 16.88
C ACT F . 25.69 -17.47 16.65
O ACT F . 26.30 -16.36 16.64
OXT ACT F . 24.46 -17.52 16.96
CH3 ACT F . 26.44 -18.74 16.34
CL CL G . 6.03 1.20 1.15
#